data_5Z47
#
_entry.id   5Z47
#
_cell.length_a   89.317
_cell.length_b   47.171
_cell.length_c   105.537
_cell.angle_alpha   90.00
_cell.angle_beta   105.66
_cell.angle_gamma   90.00
#
_symmetry.space_group_name_H-M   'I 1 2 1'
#
loop_
_entity.id
_entity.type
_entity.pdbx_description
1 polymer 'Pyrrolidone-carboxylate peptidase'
2 non-polymer 'DIMETHYL SULFOXIDE'
3 water water
#
_entity_poly.entity_id   1
_entity_poly.type   'polypeptide(L)'
_entity_poly.pdbx_seq_one_letter_code
;GSMPTLLLTGFEPFHTHPDNPSAQAAQELHGLELPGGWGVHSALLPVEPHAAGAALTRLLSEQDPGAVLLTGLAAGRPQV
TLERVGVGVMDFQIPDNAGQTYRDQPIEPDAPAAYLATLPLRAILAAWREAEIPGDISNSAGLYV(CSX)NFVLYHALHW
LREHGRGAVPCGFLHVPANAAVALAVPADRPPLPYLPQSEITRAVRVAAEAITAQSSVLQMGKM
;
_entity_poly.pdbx_strand_id   A,B
#
# COMPACT_ATOMS: atom_id res chain seq x y z
N GLY A 1 20.87 -25.94 -7.52
CA GLY A 1 21.37 -27.02 -6.67
C GLY A 1 22.61 -26.63 -5.88
N SER A 2 23.79 -27.00 -6.40
CA SER A 2 25.04 -26.60 -5.77
C SER A 2 25.44 -25.16 -6.10
N MET A 3 24.92 -24.60 -7.16
CA MET A 3 25.11 -23.24 -7.65
C MET A 3 23.96 -22.34 -7.20
N PRO A 4 24.21 -21.03 -7.05
CA PRO A 4 23.15 -20.14 -6.57
C PRO A 4 22.04 -20.00 -7.60
N THR A 5 20.81 -20.07 -7.12
CA THR A 5 19.63 -20.02 -7.97
C THR A 5 18.82 -18.78 -7.68
N LEU A 6 18.45 -18.03 -8.71
CA LEU A 6 17.40 -17.03 -8.58
C LEU A 6 16.10 -17.68 -9.01
N LEU A 7 15.13 -17.73 -8.11
CA LEU A 7 13.80 -18.25 -8.42
C LEU A 7 12.97 -17.12 -9.01
N LEU A 8 12.46 -17.32 -10.21
CA LEU A 8 11.71 -16.32 -10.95
C LEU A 8 10.33 -16.89 -11.21
N THR A 9 9.29 -16.21 -10.72
CA THR A 9 7.95 -16.73 -10.97
C THR A 9 7.12 -15.73 -11.78
N GLY A 10 6.20 -16.29 -12.56
CA GLY A 10 5.14 -15.54 -13.18
C GLY A 10 3.83 -16.26 -12.95
N PHE A 11 2.75 -15.65 -13.41
CA PHE A 11 1.43 -16.25 -13.19
C PHE A 11 0.88 -16.86 -14.48
N GLU A 12 0.30 -18.05 -14.34
CA GLU A 12 -0.30 -18.75 -15.47
C GLU A 12 -1.48 -17.95 -16.02
N PRO A 13 -1.64 -17.91 -17.36
CA PRO A 13 -2.76 -17.27 -18.07
C PRO A 13 -4.11 -17.91 -17.75
N PRO A 18 -6.23 -14.80 -20.13
CA PRO A 18 -5.93 -15.04 -21.55
C PRO A 18 -4.43 -14.94 -21.85
N ASP A 19 -3.84 -13.75 -21.69
CA ASP A 19 -2.43 -13.52 -21.91
C ASP A 19 -1.81 -12.93 -20.64
N ASN A 20 -0.63 -13.40 -20.27
CA ASN A 20 0.04 -12.85 -19.11
C ASN A 20 1.51 -12.56 -19.40
N PRO A 21 1.91 -11.28 -19.49
CA PRO A 21 3.32 -10.97 -19.74
C PRO A 21 4.28 -11.48 -18.68
N SER A 22 3.83 -11.68 -17.43
CA SER A 22 4.74 -12.21 -16.43
C SER A 22 5.06 -13.67 -16.72
N ALA A 23 4.07 -14.43 -17.20
CA ALA A 23 4.36 -15.80 -17.61
C ALA A 23 5.34 -15.84 -18.77
N GLN A 24 5.13 -14.97 -19.77
CA GLN A 24 6.03 -14.98 -20.92
C GLN A 24 7.45 -14.59 -20.53
N ALA A 25 7.59 -13.58 -19.66
CA ALA A 25 8.94 -13.20 -19.22
C ALA A 25 9.60 -14.33 -18.44
N ALA A 26 8.87 -14.96 -17.52
CA ALA A 26 9.47 -16.05 -16.75
C ALA A 26 9.84 -17.20 -17.66
N GLN A 27 8.97 -17.54 -18.62
CA GLN A 27 9.27 -18.65 -19.51
C GLN A 27 10.53 -18.38 -20.34
N GLU A 28 10.67 -17.15 -20.87
CA GLU A 28 11.82 -16.87 -21.70
C GLU A 28 13.12 -16.87 -20.91
N LEU A 29 13.08 -16.43 -19.66
CA LEU A 29 14.30 -16.29 -18.89
C LEU A 29 14.71 -17.56 -18.14
N HIS A 30 13.89 -18.62 -18.17
CA HIS A 30 14.28 -19.83 -17.47
C HIS A 30 15.63 -20.34 -17.97
N GLY A 31 16.50 -20.69 -17.02
CA GLY A 31 17.82 -21.18 -17.35
C GLY A 31 18.87 -20.13 -17.67
N LEU A 32 18.51 -18.84 -17.64
CA LEU A 32 19.48 -17.79 -17.91
C LEU A 32 20.64 -17.88 -16.94
N GLU A 33 21.86 -17.90 -17.48
CA GLU A 33 23.06 -17.89 -16.67
C GLU A 33 23.46 -16.44 -16.43
N LEU A 34 23.69 -16.11 -15.17
CA LEU A 34 24.09 -14.78 -14.75
C LEU A 34 25.50 -14.84 -14.16
N PRO A 35 26.20 -13.70 -14.09
CA PRO A 35 27.55 -13.69 -13.52
C PRO A 35 27.56 -14.21 -12.09
N GLY A 36 28.73 -14.69 -11.67
CA GLY A 36 28.91 -15.20 -10.33
C GLY A 36 28.33 -16.58 -10.09
N GLY A 37 28.04 -17.33 -11.16
CA GLY A 37 27.55 -18.68 -11.01
C GLY A 37 26.05 -18.80 -10.86
N TRP A 38 25.32 -17.70 -10.97
CA TRP A 38 23.88 -17.68 -10.74
C TRP A 38 23.10 -18.18 -11.94
N GLY A 39 22.05 -18.93 -11.68
CA GLY A 39 21.15 -19.38 -12.72
C GLY A 39 19.71 -19.09 -12.36
N VAL A 40 18.93 -18.74 -13.36
CA VAL A 40 17.51 -18.48 -13.18
C VAL A 40 16.75 -19.78 -13.30
N HIS A 41 15.91 -20.07 -12.31
CA HIS A 41 14.95 -21.17 -12.37
C HIS A 41 13.56 -20.56 -12.36
N SER A 42 12.79 -20.79 -13.42
CA SER A 42 11.49 -20.16 -13.56
C SER A 42 10.36 -21.14 -13.29
N ALA A 43 9.25 -20.61 -12.76
CA ALA A 43 8.05 -21.40 -12.56
C ALA A 43 6.83 -20.50 -12.65
N LEU A 44 5.72 -21.08 -13.08
CA LEU A 44 4.45 -20.38 -13.18
C LEU A 44 3.55 -20.79 -12.02
N LEU A 45 2.97 -19.84 -11.40
CA LEU A 45 2.04 -20.01 -10.30
C LEU A 45 0.61 -19.86 -10.79
N PRO A 46 -0.33 -20.64 -10.24
CA PRO A 46 -1.74 -20.45 -10.58
C PRO A 46 -2.30 -19.22 -9.90
N VAL A 47 -3.36 -18.67 -10.49
CA VAL A 47 -3.98 -17.45 -9.99
C VAL A 47 -5.11 -17.79 -9.02
N GLU A 48 -4.79 -18.59 -8.01
CA GLU A 48 -5.69 -18.94 -6.93
C GLU A 48 -4.77 -19.03 -5.73
N PRO A 49 -5.06 -18.32 -4.63
CA PRO A 49 -4.03 -18.15 -3.59
C PRO A 49 -3.62 -19.44 -2.88
N HIS A 50 -4.57 -20.33 -2.61
CA HIS A 50 -4.22 -21.56 -1.90
C HIS A 50 -3.29 -22.43 -2.73
N ALA A 51 -3.65 -22.66 -3.99
CA ALA A 51 -2.77 -23.42 -4.88
C ALA A 51 -1.46 -22.68 -5.14
N ALA A 52 -1.51 -21.34 -5.25
CA ALA A 52 -0.27 -20.59 -5.48
C ALA A 52 0.65 -20.66 -4.27
N GLY A 53 0.08 -20.59 -3.07
CA GLY A 53 0.90 -20.72 -1.87
C GLY A 53 1.57 -22.08 -1.78
N ALA A 54 0.79 -23.14 -2.01
CA ALA A 54 1.34 -24.50 -1.96
C ALA A 54 2.43 -24.69 -3.00
N ALA A 55 2.23 -24.14 -4.21
CA ALA A 55 3.23 -24.28 -5.27
C ALA A 55 4.49 -23.47 -4.96
N LEU A 56 4.33 -22.26 -4.41
CA LEU A 56 5.49 -21.43 -4.07
C LEU A 56 6.28 -22.04 -2.91
N THR A 57 5.59 -22.59 -1.90
CA THR A 57 6.28 -23.24 -0.80
C THR A 57 7.12 -24.40 -1.30
N ARG A 58 6.58 -25.21 -2.22
CA ARG A 58 7.37 -26.30 -2.79
C ARG A 58 8.59 -25.77 -3.54
N LEU A 59 8.43 -24.70 -4.31
CA LEU A 59 9.58 -24.13 -5.01
C LEU A 59 10.61 -23.60 -4.02
N LEU A 60 10.17 -22.89 -2.99
CA LEU A 60 11.12 -22.37 -2.01
C LEU A 60 11.86 -23.51 -1.33
N SER A 61 11.17 -24.60 -1.00
CA SER A 61 11.80 -25.72 -0.34
C SER A 61 12.69 -26.50 -1.30
N GLU A 62 12.19 -26.79 -2.50
CA GLU A 62 12.94 -27.69 -3.38
C GLU A 62 14.06 -26.98 -4.11
N GLN A 63 13.86 -25.72 -4.49
CA GLN A 63 14.88 -25.01 -5.25
C GLN A 63 15.90 -24.30 -4.36
N ASP A 64 15.58 -24.08 -3.08
CA ASP A 64 16.47 -23.45 -2.12
C ASP A 64 17.17 -22.23 -2.74
N PRO A 65 16.40 -21.25 -3.20
CA PRO A 65 17.00 -20.17 -4.01
C PRO A 65 17.79 -19.19 -3.15
N GLY A 66 18.79 -18.56 -3.79
CA GLY A 66 19.52 -17.47 -3.17
C GLY A 66 18.83 -16.13 -3.29
N ALA A 67 17.79 -16.07 -4.12
CA ALA A 67 17.00 -14.87 -4.29
C ALA A 67 15.71 -15.27 -4.96
N VAL A 68 14.66 -14.47 -4.71
CA VAL A 68 13.32 -14.77 -5.18
C VAL A 68 12.77 -13.53 -5.85
N LEU A 69 12.42 -13.64 -7.12
CA LEU A 69 11.80 -12.55 -7.88
C LEU A 69 10.44 -13.05 -8.36
N LEU A 70 9.38 -12.60 -7.67
CA LEU A 70 8.01 -12.92 -8.05
C LEU A 70 7.49 -11.84 -8.98
N THR A 71 6.81 -12.23 -10.05
CA THR A 71 6.32 -11.24 -10.99
C THR A 71 4.85 -11.48 -11.33
N GLY A 72 4.19 -10.41 -11.76
CA GLY A 72 2.80 -10.50 -12.13
C GLY A 72 2.39 -9.30 -12.96
N LEU A 73 1.24 -9.44 -13.61
CA LEU A 73 0.68 -8.39 -14.45
C LEU A 73 -0.07 -7.38 -13.58
N ALA A 74 0.18 -6.10 -13.81
CA ALA A 74 -0.63 -5.03 -13.24
C ALA A 74 -1.22 -4.23 -14.39
N ALA A 75 -2.29 -4.75 -14.98
CA ALA A 75 -2.90 -4.09 -16.13
C ALA A 75 -3.37 -2.68 -15.77
N GLY A 76 -2.81 -1.68 -16.46
CA GLY A 76 -3.12 -0.28 -16.21
C GLY A 76 -1.91 0.52 -15.76
N ARG A 77 -0.91 -0.16 -15.15
CA ARG A 77 0.30 0.56 -14.77
C ARG A 77 1.15 0.83 -16.02
N PRO A 78 1.74 2.02 -16.13
CA PRO A 78 2.50 2.34 -17.35
C PRO A 78 3.92 1.82 -17.36
N GLN A 79 4.50 1.53 -16.20
CA GLN A 79 5.91 1.19 -16.13
C GLN A 79 6.11 0.06 -15.14
N VAL A 80 7.21 -0.69 -15.30
CA VAL A 80 7.52 -1.73 -14.34
C VAL A 80 7.66 -1.13 -12.95
N THR A 81 7.22 -1.87 -11.93
CA THR A 81 7.30 -1.40 -10.56
C THR A 81 7.77 -2.51 -9.65
N LEU A 82 8.39 -2.12 -8.53
CA LEU A 82 8.83 -3.03 -7.48
C LEU A 82 7.97 -2.81 -6.25
N GLU A 83 7.41 -3.88 -5.68
CA GLU A 83 6.54 -3.74 -4.52
C GLU A 83 7.34 -3.60 -3.24
N ARG A 84 7.02 -2.58 -2.43
CA ARG A 84 7.74 -2.36 -1.20
C ARG A 84 7.28 -3.30 -0.09
N VAL A 85 6.00 -3.64 -0.05
CA VAL A 85 5.44 -4.30 1.13
C VAL A 85 4.39 -5.31 0.71
N GLY A 86 4.44 -6.48 1.34
CA GLY A 86 3.38 -7.45 1.23
C GLY A 86 2.54 -7.38 2.50
N VAL A 87 1.23 -7.17 2.32
CA VAL A 87 0.31 -7.00 3.43
C VAL A 87 -0.40 -8.31 3.72
N GLY A 88 -0.53 -8.65 5.01
CA GLY A 88 -1.13 -9.90 5.42
C GLY A 88 -2.65 -9.96 5.35
N VAL A 89 -3.24 -9.45 4.27
CA VAL A 89 -4.69 -9.49 4.10
C VAL A 89 -5.03 -9.93 2.68
N MET A 90 -6.11 -10.72 2.54
CA MET A 90 -6.68 -11.08 1.25
C MET A 90 -8.03 -10.37 1.10
N ASP A 91 -8.15 -9.56 0.05
CA ASP A 91 -9.38 -8.82 -0.24
C ASP A 91 -9.44 -8.67 -1.76
N PHE A 92 -10.32 -9.43 -2.39
CA PHE A 92 -10.33 -9.59 -3.83
C PHE A 92 -11.37 -8.67 -4.45
N GLN A 93 -10.92 -7.79 -5.35
CA GLN A 93 -11.83 -6.98 -6.13
C GLN A 93 -12.49 -7.78 -7.25
N ILE A 94 -11.80 -8.80 -7.75
CA ILE A 94 -12.33 -9.71 -8.75
C ILE A 94 -12.12 -11.15 -8.25
N PRO A 95 -12.94 -12.11 -8.67
CA PRO A 95 -12.69 -13.50 -8.26
C PRO A 95 -11.34 -13.99 -8.78
N ASP A 96 -10.83 -15.03 -8.13
CA ASP A 96 -9.66 -15.71 -8.65
C ASP A 96 -10.11 -16.67 -9.76
N ASN A 97 -9.25 -17.60 -10.18
CA ASN A 97 -9.65 -18.51 -11.24
C ASN A 97 -10.51 -19.66 -10.76
N ALA A 98 -10.69 -19.81 -9.45
CA ALA A 98 -11.64 -20.77 -8.92
C ALA A 98 -13.01 -20.14 -8.67
N GLY A 99 -13.21 -18.89 -9.10
CA GLY A 99 -14.43 -18.15 -8.85
C GLY A 99 -14.59 -17.65 -7.43
N GLN A 100 -13.52 -17.68 -6.64
CA GLN A 100 -13.60 -17.39 -5.22
C GLN A 100 -13.20 -15.94 -4.95
N THR A 101 -13.74 -15.40 -3.86
CA THR A 101 -13.37 -14.08 -3.38
C THR A 101 -13.11 -14.15 -1.89
N TYR A 102 -12.30 -13.21 -1.40
CA TYR A 102 -12.05 -13.01 0.02
C TYR A 102 -12.31 -11.55 0.37
N ARG A 103 -12.61 -11.31 1.65
N ARG A 103 -12.71 -11.30 1.61
CA ARG A 103 -13.01 -9.99 2.13
CA ARG A 103 -12.95 -9.94 2.06
C ARG A 103 -12.32 -9.73 3.47
C ARG A 103 -12.31 -9.73 3.43
N ASP A 104 -11.30 -8.86 3.46
CA ASP A 104 -10.61 -8.45 4.70
C ASP A 104 -10.08 -9.64 5.49
N GLN A 105 -9.61 -10.66 4.78
CA GLN A 105 -9.24 -11.92 5.42
C GLN A 105 -7.76 -11.91 5.78
N PRO A 106 -7.38 -12.10 7.04
CA PRO A 106 -5.97 -12.25 7.38
C PRO A 106 -5.37 -13.47 6.70
N ILE A 107 -4.15 -13.33 6.20
CA ILE A 107 -3.53 -14.46 5.49
C ILE A 107 -3.20 -15.57 6.48
N GLU A 108 -2.72 -15.20 7.67
CA GLU A 108 -2.29 -16.17 8.66
C GLU A 108 -2.58 -15.64 10.05
N PRO A 109 -3.26 -16.41 10.90
CA PRO A 109 -3.52 -15.91 12.25
C PRO A 109 -2.20 -15.76 13.02
N ASP A 110 -2.09 -14.66 13.76
CA ASP A 110 -0.94 -14.38 14.62
C ASP A 110 0.37 -14.36 13.82
N ALA A 111 0.35 -13.68 12.70
CA ALA A 111 1.52 -13.40 11.88
C ALA A 111 1.61 -11.90 11.68
N PRO A 112 2.76 -11.38 11.23
CA PRO A 112 2.89 -9.92 11.06
C PRO A 112 1.86 -9.35 10.11
N ALA A 113 1.48 -8.10 10.37
CA ALA A 113 0.56 -7.40 9.48
C ALA A 113 1.17 -7.21 8.10
N ALA A 114 2.50 -7.11 8.02
CA ALA A 114 3.14 -6.97 6.73
C ALA A 114 4.58 -7.45 6.83
N TYR A 115 5.14 -7.76 5.65
CA TYR A 115 6.56 -7.94 5.46
C TYR A 115 7.03 -6.96 4.39
N LEU A 116 8.13 -6.25 4.67
CA LEU A 116 8.78 -5.47 3.63
C LEU A 116 9.56 -6.39 2.70
N ALA A 117 9.51 -6.10 1.42
CA ALA A 117 10.34 -6.83 0.46
C ALA A 117 11.81 -6.58 0.78
N THR A 118 12.64 -7.58 0.50
CA THR A 118 14.06 -7.54 0.85
C THR A 118 14.96 -7.50 -0.37
N LEU A 119 14.40 -7.25 -1.55
CA LEU A 119 15.21 -7.01 -2.73
C LEU A 119 15.94 -5.69 -2.58
N PRO A 120 17.05 -5.53 -3.27
CA PRO A 120 17.76 -4.24 -3.28
C PRO A 120 17.04 -3.26 -4.22
N LEU A 121 16.01 -2.60 -3.66
CA LEU A 121 15.07 -1.85 -4.49
C LEU A 121 15.77 -0.73 -5.27
N ARG A 122 16.58 0.06 -4.58
CA ARG A 122 17.24 1.19 -5.23
C ARG A 122 18.23 0.72 -6.29
N ALA A 123 18.95 -0.37 -6.02
CA ALA A 123 19.87 -0.92 -7.02
C ALA A 123 19.14 -1.35 -8.29
N ILE A 124 17.95 -1.93 -8.14
CA ILE A 124 17.19 -2.34 -9.31
C ILE A 124 16.73 -1.11 -10.10
N LEU A 125 16.20 -0.10 -9.39
CA LEU A 125 15.78 1.13 -10.06
C LEU A 125 16.95 1.75 -10.83
N ALA A 126 18.13 1.75 -10.23
CA ALA A 126 19.29 2.32 -10.90
C ALA A 126 19.69 1.49 -12.11
N ALA A 127 19.62 0.16 -12.00
CA ALA A 127 19.92 -0.69 -13.14
C ALA A 127 18.92 -0.49 -14.27
N TRP A 128 17.63 -0.35 -13.92
CA TRP A 128 16.63 -0.03 -14.92
C TRP A 128 16.96 1.28 -15.62
N ARG A 129 17.24 2.32 -14.84
CA ARG A 129 17.48 3.62 -15.45
C ARG A 129 18.71 3.58 -16.36
N GLU A 130 19.75 2.84 -15.95
CA GLU A 130 20.93 2.73 -16.79
C GLU A 130 20.60 2.01 -18.10
N ALA A 131 19.64 1.08 -18.07
CA ALA A 131 19.15 0.38 -19.25
C ALA A 131 18.06 1.13 -19.99
N GLU A 132 17.83 2.40 -19.61
CA GLU A 132 16.82 3.24 -20.23
CA GLU A 132 16.81 3.29 -20.17
C GLU A 132 15.40 2.72 -20.00
N ILE A 133 15.16 2.06 -18.87
CA ILE A 133 13.84 1.55 -18.52
C ILE A 133 13.25 2.43 -17.41
N PRO A 134 12.15 3.14 -17.67
CA PRO A 134 11.45 3.85 -16.59
C PRO A 134 10.87 2.85 -15.61
N GLY A 135 10.89 3.19 -14.32
CA GLY A 135 10.31 2.29 -13.32
C GLY A 135 10.27 2.96 -11.97
N ASP A 136 9.61 2.31 -11.03
CA ASP A 136 9.52 2.92 -9.70
C ASP A 136 9.15 1.88 -8.65
N ILE A 137 9.19 2.31 -7.41
CA ILE A 137 8.69 1.51 -6.29
C ILE A 137 7.20 1.79 -6.14
N SER A 138 6.44 0.72 -5.94
CA SER A 138 5.03 0.76 -5.58
C SER A 138 4.87 0.43 -4.11
N ASN A 139 3.96 1.13 -3.42
CA ASN A 139 3.78 0.88 -1.98
C ASN A 139 2.52 0.10 -1.66
N SER A 140 1.80 -0.37 -2.68
CA SER A 140 0.78 -1.37 -2.47
C SER A 140 0.74 -2.29 -3.68
N ALA A 141 0.78 -3.58 -3.41
CA ALA A 141 0.68 -4.62 -4.42
C ALA A 141 -0.75 -5.04 -4.70
N GLY A 142 -1.74 -4.28 -4.19
CA GLY A 142 -3.10 -4.78 -4.11
C GLY A 142 -3.22 -5.79 -2.97
N LEU A 143 -4.40 -6.42 -2.88
CA LEU A 143 -4.62 -7.49 -1.92
C LEU A 143 -5.11 -8.77 -2.62
N TYR A 144 -4.78 -8.91 -3.89
CA TYR A 144 -5.16 -10.05 -4.72
C TYR A 144 -4.05 -11.10 -4.59
N VAL A 145 -3.94 -12.00 -5.58
CA VAL A 145 -3.02 -13.13 -5.46
C VAL A 145 -1.57 -12.67 -5.51
N ASN A 147 -0.11 -9.87 -4.25
CA ASN A 147 0.28 -9.51 -2.88
C ASN A 147 0.37 -10.74 -1.98
N PHE A 148 -0.57 -11.66 -2.15
CA PHE A 148 -0.58 -12.87 -1.34
C PHE A 148 0.74 -13.63 -1.48
N VAL A 149 1.24 -13.83 -2.71
CA VAL A 149 2.45 -14.63 -2.84
C VAL A 149 3.66 -13.86 -2.34
N LEU A 150 3.65 -12.53 -2.43
CA LEU A 150 4.74 -11.75 -1.84
C LEU A 150 4.77 -11.95 -0.32
N TYR A 151 3.63 -11.76 0.34
CA TYR A 151 3.56 -12.01 1.77
C TYR A 151 3.91 -13.47 2.09
N HIS A 152 3.36 -14.42 1.32
CA HIS A 152 3.62 -15.83 1.59
C HIS A 152 5.11 -16.14 1.53
N ALA A 153 5.78 -15.63 0.49
CA ALA A 153 7.20 -15.94 0.32
C ALA A 153 8.04 -15.32 1.43
N LEU A 154 7.77 -14.06 1.77
CA LEU A 154 8.56 -13.39 2.80
C LEU A 154 8.36 -14.06 4.15
N HIS A 155 7.12 -14.46 4.45
CA HIS A 155 6.83 -15.16 5.71
C HIS A 155 7.53 -16.52 5.76
N TRP A 156 7.41 -17.30 4.69
CA TRP A 156 8.04 -18.63 4.65
C TRP A 156 9.54 -18.51 4.86
N LEU A 157 10.18 -17.58 4.15
CA LEU A 157 11.62 -17.39 4.27
C LEU A 157 12.01 -17.04 5.71
N ARG A 158 11.29 -16.09 6.32
CA ARG A 158 11.62 -15.71 7.70
C ARG A 158 11.42 -16.89 8.64
N GLU A 159 10.31 -17.64 8.47
CA GLU A 159 10.03 -18.76 9.39
C GLU A 159 11.00 -19.92 9.21
N HIS A 160 11.74 -19.97 8.11
CA HIS A 160 12.74 -21.02 7.89
C HIS A 160 14.16 -20.48 8.02
N GLY A 161 14.34 -19.38 8.77
CA GLY A 161 15.66 -18.84 9.01
C GLY A 161 16.35 -18.29 7.78
N ARG A 162 15.59 -18.02 6.72
CA ARG A 162 16.14 -17.55 5.46
C ARG A 162 15.69 -16.12 5.16
N GLY A 163 15.48 -15.33 6.21
CA GLY A 163 15.07 -13.95 6.02
C GLY A 163 16.04 -13.13 5.20
N ALA A 164 17.30 -13.54 5.16
CA ALA A 164 18.34 -12.84 4.41
C ALA A 164 18.28 -13.11 2.90
N VAL A 165 17.46 -14.05 2.45
CA VAL A 165 17.32 -14.30 1.01
C VAL A 165 16.52 -13.15 0.40
N PRO A 166 17.11 -12.36 -0.50
CA PRO A 166 16.36 -11.22 -1.07
C PRO A 166 15.15 -11.71 -1.84
N CYS A 167 14.01 -11.07 -1.56
CA CYS A 167 12.75 -11.58 -2.07
C CYS A 167 11.81 -10.41 -2.29
N GLY A 168 11.18 -10.34 -3.46
CA GLY A 168 10.27 -9.24 -3.69
C GLY A 168 9.38 -9.53 -4.87
N PHE A 169 8.60 -8.50 -5.25
CA PHE A 169 7.62 -8.60 -6.31
C PHE A 169 7.82 -7.51 -7.33
N LEU A 170 7.69 -7.88 -8.60
CA LEU A 170 7.87 -6.98 -9.74
C LEU A 170 6.58 -7.05 -10.54
N HIS A 171 5.81 -5.96 -10.55
CA HIS A 171 4.63 -5.87 -11.41
C HIS A 171 4.99 -5.35 -12.79
N VAL A 172 4.40 -5.96 -13.81
CA VAL A 172 4.67 -5.52 -15.18
C VAL A 172 3.41 -4.97 -15.82
N PRO A 173 3.54 -3.99 -16.71
CA PRO A 173 2.40 -3.50 -17.48
C PRO A 173 1.80 -4.58 -18.37
N ALA A 174 0.63 -4.26 -18.92
CA ALA A 174 0.07 -5.01 -20.04
C ALA A 174 1.07 -5.08 -21.18
N ASN A 175 1.07 -6.19 -21.90
CA ASN A 175 1.76 -6.25 -23.19
C ASN A 175 0.75 -5.89 -24.28
N ALA A 176 1.16 -6.01 -25.54
CA ALA A 176 0.28 -5.67 -26.65
C ALA A 176 -0.97 -6.53 -26.63
N ALA A 177 -0.81 -7.82 -26.36
CA ALA A 177 -1.95 -8.73 -26.37
C ALA A 177 -3.00 -8.31 -25.34
N VAL A 178 -2.56 -8.00 -24.12
CA VAL A 178 -3.51 -7.55 -23.08
C VAL A 178 -4.20 -6.28 -23.52
N ALA A 179 -3.45 -5.31 -24.06
CA ALA A 179 -4.05 -4.06 -24.47
C ALA A 179 -5.03 -4.24 -25.63
N LEU A 180 -4.71 -5.13 -26.58
CA LEU A 180 -5.58 -5.37 -27.73
C LEU A 180 -6.90 -6.04 -27.35
N ALA A 181 -6.94 -6.77 -26.24
CA ALA A 181 -8.11 -7.50 -25.78
C ALA A 181 -9.07 -6.65 -24.94
N VAL A 182 -8.70 -5.42 -24.62
CA VAL A 182 -9.58 -4.53 -23.85
C VAL A 182 -10.85 -4.25 -24.66
N PRO A 183 -12.05 -4.39 -24.09
CA PRO A 183 -13.27 -4.10 -24.86
C PRO A 183 -13.34 -2.64 -25.28
N ALA A 184 -14.17 -2.38 -26.30
CA ALA A 184 -14.24 -1.05 -26.88
C ALA A 184 -14.83 -0.01 -25.92
N ASP A 185 -15.60 -0.43 -24.93
CA ASP A 185 -16.22 0.51 -23.99
C ASP A 185 -15.30 0.90 -22.84
N ARG A 186 -14.19 0.21 -22.64
CA ARG A 186 -13.26 0.42 -21.55
C ARG A 186 -12.12 1.33 -21.99
N PRO A 187 -11.42 2.00 -21.07
CA PRO A 187 -10.39 2.94 -21.48
C PRO A 187 -9.16 2.19 -21.99
N PRO A 188 -8.42 2.77 -22.92
CA PRO A 188 -7.21 2.10 -23.43
C PRO A 188 -6.16 1.99 -22.34
N LEU A 189 -5.40 0.89 -22.39
CA LEU A 189 -4.40 0.62 -21.38
C LEU A 189 -3.02 1.09 -21.82
N PRO A 190 -2.25 1.69 -20.92
CA PRO A 190 -0.80 1.71 -21.12
C PRO A 190 -0.31 0.29 -21.35
N TYR A 191 0.74 0.15 -22.16
CA TYR A 191 1.26 -1.18 -22.45
C TYR A 191 2.73 -1.06 -22.84
N LEU A 192 3.41 -2.20 -22.86
CA LEU A 192 4.77 -2.30 -23.37
C LEU A 192 4.84 -3.53 -24.26
N PRO A 193 5.63 -3.48 -25.32
CA PRO A 193 5.92 -4.71 -26.06
C PRO A 193 6.51 -5.75 -25.10
N GLN A 194 6.19 -7.01 -25.36
CA GLN A 194 6.67 -8.06 -24.47
C GLN A 194 8.19 -8.04 -24.35
N SER A 195 8.92 -7.71 -25.43
CA SER A 195 10.38 -7.71 -25.35
C SER A 195 10.89 -6.66 -24.37
N GLU A 196 10.18 -5.54 -24.25
CA GLU A 196 10.54 -4.54 -23.24
C GLU A 196 10.29 -5.07 -21.84
N ILE A 197 9.16 -5.75 -21.64
CA ILE A 197 8.83 -6.32 -20.33
C ILE A 197 9.86 -7.37 -19.92
N THR A 198 10.14 -8.30 -20.82
CA THR A 198 11.09 -9.36 -20.49
C THR A 198 12.45 -8.78 -20.17
N ARG A 199 12.89 -7.78 -20.95
CA ARG A 199 14.18 -7.16 -20.68
C ARG A 199 14.19 -6.50 -19.31
N ALA A 200 13.08 -5.89 -18.88
CA ALA A 200 13.04 -5.27 -17.55
C ALA A 200 13.15 -6.32 -16.45
N VAL A 201 12.45 -7.45 -16.60
CA VAL A 201 12.61 -8.53 -15.63
C VAL A 201 14.05 -9.02 -15.61
N ARG A 202 14.67 -9.19 -16.79
CA ARG A 202 16.05 -9.63 -16.87
C ARG A 202 17.01 -8.67 -16.16
N VAL A 203 16.86 -7.37 -16.44
CA VAL A 203 17.70 -6.36 -15.81
C VAL A 203 17.54 -6.39 -14.30
N ALA A 204 16.30 -6.56 -13.82
CA ALA A 204 16.10 -6.68 -12.38
C ALA A 204 16.77 -7.93 -11.84
N ALA A 205 16.61 -9.06 -12.52
CA ALA A 205 17.26 -10.29 -12.05
C ALA A 205 18.77 -10.11 -11.95
N GLU A 206 19.35 -9.48 -12.97
CA GLU A 206 20.80 -9.28 -12.99
C GLU A 206 21.25 -8.36 -11.86
N ALA A 207 20.44 -7.33 -11.54
CA ALA A 207 20.78 -6.42 -10.46
C ALA A 207 20.74 -7.13 -9.11
N ILE A 208 19.74 -7.99 -8.92
CA ILE A 208 19.57 -8.71 -7.66
C ILE A 208 20.77 -9.61 -7.40
N THR A 209 21.17 -10.39 -8.40
CA THR A 209 22.25 -11.34 -8.18
C THR A 209 23.59 -10.64 -8.08
N ALA A 210 23.76 -9.49 -8.75
CA ALA A 210 25.03 -8.78 -8.63
C ALA A 210 25.23 -8.24 -7.22
N GLN A 211 24.15 -7.83 -6.55
CA GLN A 211 24.22 -7.34 -5.18
C GLN A 211 24.41 -8.48 -4.19
N SER A 212 23.65 -9.55 -4.35
CA SER A 212 23.68 -10.68 -3.44
C SER A 212 24.92 -11.54 -3.68
N SER B 2 -14.22 12.87 31.23
CA SER B 2 -14.86 11.65 31.72
C SER B 2 -15.81 11.08 30.68
N MET B 3 -16.19 11.90 29.71
CA MET B 3 -17.06 11.39 28.66
C MET B 3 -16.24 10.85 27.51
N PRO B 4 -16.76 9.93 26.70
CA PRO B 4 -15.93 9.35 25.63
C PRO B 4 -15.58 10.41 24.58
N THR B 5 -14.31 10.44 24.18
CA THR B 5 -13.82 11.42 23.23
C THR B 5 -13.38 10.76 21.95
N LEU B 6 -13.87 11.27 20.82
CA LEU B 6 -13.27 10.94 19.54
C LEU B 6 -12.27 12.04 19.22
N LEU B 7 -11.00 11.66 19.06
CA LEU B 7 -9.96 12.58 18.65
C LEU B 7 -9.95 12.66 17.13
N LEU B 8 -10.12 13.86 16.60
CA LEU B 8 -10.22 14.12 15.17
C LEU B 8 -9.09 15.05 14.79
N THR B 9 -8.19 14.61 13.91
CA THR B 9 -7.10 15.49 13.52
C THR B 9 -7.16 15.81 12.03
N GLY B 10 -6.65 17.00 11.71
CA GLY B 10 -6.34 17.38 10.35
C GLY B 10 -4.96 17.99 10.32
N PHE B 11 -4.52 18.34 9.12
CA PHE B 11 -3.18 18.90 8.97
C PHE B 11 -3.24 20.40 8.71
N GLU B 12 -2.36 21.14 9.37
CA GLU B 12 -2.27 22.59 9.20
C GLU B 12 -1.86 22.95 7.79
N PRO B 13 -2.42 24.02 7.21
CA PRO B 13 -2.03 24.50 5.88
C PRO B 13 -0.56 24.94 5.81
N PRO B 18 -1.38 26.04 1.47
CA PRO B 18 -2.22 27.18 1.83
C PRO B 18 -3.62 26.75 2.28
N ASP B 19 -4.29 25.90 1.51
CA ASP B 19 -5.62 25.43 1.85
C ASP B 19 -5.57 23.93 2.11
N ASN B 20 -6.20 23.51 3.22
CA ASN B 20 -6.26 22.10 3.51
C ASN B 20 -7.66 21.71 3.98
N PRO B 21 -8.41 20.95 3.16
CA PRO B 21 -9.76 20.54 3.57
C PRO B 21 -9.82 19.69 4.83
N SER B 22 -8.75 18.96 5.17
CA SER B 22 -8.78 18.19 6.41
C SER B 22 -8.75 19.12 7.62
N ALA B 23 -8.01 20.22 7.53
CA ALA B 23 -8.03 21.21 8.59
C ALA B 23 -9.41 21.82 8.73
N GLN B 24 -10.04 22.20 7.61
CA GLN B 24 -11.35 22.83 7.69
C GLN B 24 -12.40 21.89 8.28
N ALA B 25 -12.37 20.61 7.90
CA ALA B 25 -13.32 19.65 8.46
C ALA B 25 -13.10 19.47 9.95
N ALA B 26 -11.84 19.33 10.38
CA ALA B 26 -11.58 19.16 11.80
C ALA B 26 -12.00 20.38 12.59
N GLN B 27 -11.72 21.59 12.07
CA GLN B 27 -12.08 22.80 12.80
C GLN B 27 -13.60 22.91 12.96
N GLU B 28 -14.36 22.60 11.90
CA GLU B 28 -15.81 22.75 11.98
C GLU B 28 -16.42 21.73 12.94
N LEU B 29 -15.85 20.52 13.01
CA LEU B 29 -16.46 19.46 13.80
C LEU B 29 -16.00 19.46 15.25
N HIS B 30 -15.06 20.31 15.63
CA HIS B 30 -14.63 20.32 17.02
C HIS B 30 -15.81 20.56 17.95
N GLY B 31 -15.89 19.77 19.00
CA GLY B 31 -16.95 19.91 19.98
C GLY B 31 -18.27 19.29 19.59
N LEU B 32 -18.38 18.67 18.42
CA LEU B 32 -19.62 18.01 18.02
C LEU B 32 -20.00 16.95 19.05
N GLU B 33 -21.26 17.00 19.49
CA GLU B 33 -21.80 15.95 20.35
C GLU B 33 -22.42 14.86 19.50
N LEU B 34 -22.05 13.63 19.78
CA LEU B 34 -22.57 12.45 19.10
C LEU B 34 -23.38 11.62 20.08
N PRO B 35 -24.26 10.73 19.60
CA PRO B 35 -25.05 9.90 20.51
C PRO B 35 -24.16 9.03 21.40
N GLY B 36 -24.72 8.65 22.54
CA GLY B 36 -23.99 7.83 23.49
C GLY B 36 -22.96 8.58 24.31
N GLY B 37 -23.06 9.90 24.40
CA GLY B 37 -22.18 10.68 25.23
C GLY B 37 -20.87 11.08 24.58
N TRP B 38 -20.68 10.76 23.30
CA TRP B 38 -19.41 11.01 22.64
C TRP B 38 -19.25 12.46 22.21
N GLY B 39 -18.04 12.97 22.35
CA GLY B 39 -17.72 14.32 21.91
C GLY B 39 -16.49 14.30 21.04
N VAL B 40 -16.49 15.15 20.02
CA VAL B 40 -15.34 15.27 19.13
C VAL B 40 -14.40 16.30 19.72
N HIS B 41 -13.12 15.94 19.84
CA HIS B 41 -12.07 16.89 20.16
C HIS B 41 -11.15 16.99 18.95
N SER B 42 -11.03 18.19 18.38
CA SER B 42 -10.26 18.35 17.14
C SER B 42 -8.92 19.00 17.42
N ALA B 43 -7.91 18.61 16.61
CA ALA B 43 -6.62 19.25 16.68
C ALA B 43 -5.99 19.22 15.29
N LEU B 44 -5.15 20.22 15.03
CA LEU B 44 -4.40 20.28 13.80
C LEU B 44 -2.96 19.89 14.05
N LEU B 45 -2.43 19.04 13.20
CA LEU B 45 -1.06 18.56 13.23
C LEU B 45 -0.21 19.29 12.21
N PRO B 46 1.06 19.57 12.51
CA PRO B 46 1.93 20.16 11.50
C PRO B 46 2.35 19.13 10.45
N VAL B 47 2.71 19.63 9.26
CA VAL B 47 3.13 18.76 8.17
C VAL B 47 4.64 18.59 8.23
N GLU B 48 5.12 18.12 9.37
CA GLU B 48 6.52 17.77 9.56
C GLU B 48 6.43 16.59 10.50
N PRO B 49 7.02 15.43 10.16
CA PRO B 49 6.66 14.21 10.88
C PRO B 49 7.11 14.21 12.34
N HIS B 50 8.29 14.74 12.64
CA HIS B 50 8.74 14.70 14.03
C HIS B 50 7.86 15.56 14.91
N ALA B 51 7.57 16.79 14.49
CA ALA B 51 6.66 17.63 15.24
C ALA B 51 5.24 17.05 15.24
N ALA B 52 4.82 16.43 14.13
CA ALA B 52 3.48 15.83 14.09
C ALA B 52 3.38 14.66 15.05
N GLY B 53 4.43 13.83 15.11
CA GLY B 53 4.44 12.73 16.06
C GLY B 53 4.41 13.19 17.50
N ALA B 54 5.21 14.20 17.83
CA ALA B 54 5.22 14.76 19.18
C ALA B 54 3.87 15.34 19.55
N ALA B 55 3.21 16.03 18.60
CA ALA B 55 1.91 16.63 18.87
C ALA B 55 0.83 15.58 19.05
N LEU B 56 0.87 14.53 18.22
CA LEU B 56 -0.12 13.45 18.30
C LEU B 56 0.06 12.63 19.58
N THR B 57 1.31 12.39 19.99
CA THR B 57 1.54 11.66 21.23
C THR B 57 0.93 12.40 22.41
N ARG B 58 1.11 13.72 22.43
CA ARG B 58 0.52 14.52 23.50
C ARG B 58 -1.00 14.42 23.48
N LEU B 59 -1.62 14.50 22.29
CA LEU B 59 -3.07 14.40 22.20
C LEU B 59 -3.56 13.04 22.67
N LEU B 60 -2.88 11.97 22.23
CA LEU B 60 -3.28 10.64 22.67
C LEU B 60 -3.15 10.50 24.17
N SER B 61 -2.09 11.06 24.74
CA SER B 61 -1.84 10.93 26.17
C SER B 61 -2.81 11.79 26.98
N GLU B 62 -2.99 13.04 26.57
CA GLU B 62 -3.76 13.98 27.38
C GLU B 62 -5.27 13.81 27.18
N GLN B 63 -5.72 13.50 25.96
CA GLN B 63 -7.14 13.37 25.69
C GLN B 63 -7.69 11.98 25.97
N ASP B 64 -6.82 10.96 26.05
CA ASP B 64 -7.19 9.57 26.29
C ASP B 64 -8.44 9.17 25.50
N PRO B 65 -8.39 9.26 24.17
CA PRO B 65 -9.61 9.15 23.36
C PRO B 65 -10.12 7.73 23.25
N GLY B 66 -11.44 7.60 23.08
CA GLY B 66 -12.05 6.31 22.84
C GLY B 66 -11.95 5.85 21.39
N ALA B 67 -11.57 6.75 20.50
CA ALA B 67 -11.37 6.47 19.09
C ALA B 67 -10.58 7.61 18.50
N VAL B 68 -9.89 7.29 17.42
CA VAL B 68 -8.96 8.22 16.78
C VAL B 68 -9.25 8.26 15.28
N LEU B 69 -9.60 9.44 14.77
CA LEU B 69 -9.83 9.65 13.34
C LEU B 69 -8.83 10.68 12.85
N LEU B 70 -7.78 10.21 12.18
CA LEU B 70 -6.77 11.06 11.57
C LEU B 70 -7.19 11.35 10.14
N THR B 71 -7.10 12.61 9.71
CA THR B 71 -7.51 12.96 8.36
C THR B 71 -6.44 13.81 7.68
N GLY B 72 -6.47 13.77 6.35
CA GLY B 72 -5.52 14.54 5.56
C GLY B 72 -5.98 14.64 4.13
N LEU B 73 -5.37 15.58 3.41
CA LEU B 73 -5.68 15.80 2.01
C LEU B 73 -4.92 14.81 1.13
N ALA B 74 -5.63 14.18 0.21
CA ALA B 74 -5.01 13.38 -0.85
C ALA B 74 -5.42 14.02 -2.17
N ALA B 75 -4.72 15.10 -2.54
CA ALA B 75 -5.06 15.81 -3.76
C ALA B 75 -4.93 14.90 -4.98
N GLY B 76 -6.04 14.72 -5.69
CA GLY B 76 -6.10 13.86 -6.86
C GLY B 76 -7.06 12.71 -6.69
N ARG B 77 -7.32 12.29 -5.44
CA ARG B 77 -8.30 11.24 -5.26
C ARG B 77 -9.69 11.81 -5.46
N PRO B 78 -10.59 11.07 -6.11
CA PRO B 78 -11.93 11.62 -6.40
C PRO B 78 -12.90 11.50 -5.24
N GLN B 79 -12.68 10.57 -4.32
CA GLN B 79 -13.66 10.27 -3.29
C GLN B 79 -12.94 10.07 -1.97
N VAL B 80 -13.68 10.24 -0.87
CA VAL B 80 -13.10 9.98 0.44
C VAL B 80 -12.67 8.52 0.51
N THR B 81 -11.55 8.27 1.20
CA THR B 81 -11.04 6.93 1.38
C THR B 81 -10.58 6.70 2.81
N LEU B 82 -10.61 5.43 3.23
CA LEU B 82 -10.12 4.97 4.51
C LEU B 82 -8.85 4.15 4.30
N GLU B 83 -7.79 4.47 5.03
CA GLU B 83 -6.52 3.77 4.87
C GLU B 83 -6.54 2.46 5.63
N ARG B 84 -6.19 1.38 4.96
CA ARG B 84 -6.18 0.09 5.61
C ARG B 84 -4.96 -0.13 6.48
N VAL B 85 -3.81 0.42 6.10
CA VAL B 85 -2.55 0.01 6.71
C VAL B 85 -1.61 1.21 6.79
N GLY B 86 -0.94 1.35 7.94
CA GLY B 86 0.14 2.30 8.09
C GLY B 86 1.46 1.56 8.05
N VAL B 87 2.33 1.99 7.13
CA VAL B 87 3.61 1.32 6.91
C VAL B 87 4.72 2.04 7.66
N GLY B 88 5.58 1.25 8.31
CA GLY B 88 6.67 1.80 9.12
C GLY B 88 7.86 2.30 8.33
N VAL B 89 7.60 3.02 7.24
CA VAL B 89 8.67 3.59 6.42
C VAL B 89 8.32 5.05 6.11
N MET B 90 9.35 5.89 6.09
CA MET B 90 9.26 7.29 5.69
C MET B 90 9.98 7.46 4.36
N ASP B 91 9.26 7.91 3.34
CA ASP B 91 9.86 8.11 2.02
C ASP B 91 9.09 9.21 1.31
N PHE B 92 9.68 10.39 1.22
CA PHE B 92 8.98 11.59 0.82
C PHE B 92 9.27 11.87 -0.65
N GLN B 93 8.21 11.94 -1.46
CA GLN B 93 8.35 12.40 -2.84
C GLN B 93 8.52 13.91 -2.90
N ILE B 94 7.96 14.64 -1.95
CA ILE B 94 8.11 16.09 -1.85
C ILE B 94 8.57 16.42 -0.43
N PRO B 95 9.28 17.53 -0.23
CA PRO B 95 9.69 17.90 1.13
C PRO B 95 8.49 18.14 2.04
N ASP B 96 8.74 18.04 3.35
CA ASP B 96 7.74 18.44 4.34
C ASP B 96 7.79 19.96 4.48
N ASN B 97 7.18 20.50 5.55
CA ASN B 97 7.17 21.96 5.69
C ASN B 97 8.48 22.50 6.23
N ALA B 98 9.39 21.64 6.67
CA ALA B 98 10.72 22.05 7.05
C ALA B 98 11.71 21.92 5.90
N GLY B 99 11.23 21.59 4.69
CA GLY B 99 12.09 21.36 3.55
C GLY B 99 12.84 20.05 3.61
N GLN B 100 12.40 19.11 4.44
CA GLN B 100 13.12 17.88 4.67
C GLN B 100 12.49 16.73 3.91
N THR B 101 13.34 15.80 3.47
CA THR B 101 12.90 14.56 2.85
C THR B 101 13.55 13.39 3.59
N TYR B 102 12.90 12.23 3.48
CA TYR B 102 13.45 10.96 3.96
C TYR B 102 13.43 9.96 2.82
N ARG B 103 14.34 8.97 2.89
CA ARG B 103 14.53 7.97 1.85
C ARG B 103 14.54 6.57 2.48
N ASP B 104 13.46 5.81 2.28
CA ASP B 104 13.37 4.41 2.74
C ASP B 104 13.71 4.28 4.23
N GLN B 105 13.30 5.26 5.03
CA GLN B 105 13.71 5.32 6.43
C GLN B 105 12.70 4.60 7.31
N PRO B 106 13.11 3.60 8.09
CA PRO B 106 12.19 2.98 9.06
C PRO B 106 11.75 4.00 10.11
N ILE B 107 10.47 3.93 10.46
CA ILE B 107 9.95 4.87 11.46
C ILE B 107 10.51 4.54 12.83
N GLU B 108 10.60 3.26 13.16
CA GLU B 108 11.07 2.88 14.49
C GLU B 108 11.82 1.55 14.45
N PRO B 109 13.03 1.48 15.01
CA PRO B 109 13.77 0.22 15.04
C PRO B 109 13.07 -0.81 15.91
N ASP B 110 13.08 -2.07 15.44
CA ASP B 110 12.47 -3.19 16.15
C ASP B 110 11.00 -2.93 16.46
N ALA B 111 10.29 -2.42 15.48
CA ALA B 111 8.85 -2.25 15.53
C ALA B 111 8.26 -2.95 14.33
N PRO B 112 6.95 -3.22 14.33
CA PRO B 112 6.35 -3.93 13.20
C PRO B 112 6.52 -3.18 11.89
N ALA B 113 6.59 -3.94 10.80
CA ALA B 113 6.68 -3.35 9.47
C ALA B 113 5.44 -2.52 9.15
N ALA B 114 4.31 -2.88 9.76
CA ALA B 114 3.07 -2.18 9.55
C ALA B 114 2.12 -2.46 10.71
N TYR B 115 1.14 -1.56 10.83
CA TYR B 115 -0.06 -1.74 11.64
C TYR B 115 -1.28 -1.58 10.74
N LEU B 116 -2.25 -2.49 10.85
CA LEU B 116 -3.54 -2.32 10.22
C LEU B 116 -4.39 -1.32 11.02
N ALA B 117 -5.12 -0.47 10.30
CA ALA B 117 -6.05 0.42 11.00
C ALA B 117 -7.09 -0.41 11.74
N THR B 118 -7.55 0.09 12.88
CA THR B 118 -8.50 -0.61 13.72
C THR B 118 -9.89 0.06 13.72
N LEU B 119 -10.13 0.97 12.79
CA LEU B 119 -11.48 1.50 12.59
C LEU B 119 -12.40 0.42 12.03
N PRO B 120 -13.71 0.55 12.24
CA PRO B 120 -14.66 -0.37 11.61
C PRO B 120 -14.88 0.02 10.14
N LEU B 121 -13.99 -0.46 9.27
CA LEU B 121 -13.93 0.07 7.90
C LEU B 121 -15.24 -0.16 7.16
N ARG B 122 -15.77 -1.37 7.19
CA ARG B 122 -16.97 -1.66 6.40
C ARG B 122 -18.16 -0.88 6.94
N ALA B 123 -18.23 -0.71 8.26
CA ALA B 123 -19.30 0.08 8.86
C ALA B 123 -19.27 1.52 8.37
N ILE B 124 -18.08 2.11 8.25
CA ILE B 124 -17.95 3.47 7.74
C ILE B 124 -18.36 3.54 6.28
N LEU B 125 -17.89 2.60 5.45
CA LEU B 125 -18.26 2.61 4.03
C LEU B 125 -19.78 2.53 3.88
N ALA B 126 -20.42 1.69 4.70
CA ALA B 126 -21.87 1.55 4.63
C ALA B 126 -22.57 2.82 5.08
N ALA B 127 -22.04 3.47 6.14
CA ALA B 127 -22.63 4.73 6.58
C ALA B 127 -22.50 5.80 5.51
N TRP B 128 -21.34 5.86 4.86
CA TRP B 128 -21.17 6.76 3.72
C TRP B 128 -22.18 6.46 2.63
N ARG B 129 -22.29 5.19 2.22
CA ARG B 129 -23.21 4.88 1.14
C ARG B 129 -24.64 5.25 1.52
N GLU B 130 -25.02 5.03 2.78
CA GLU B 130 -26.38 5.39 3.19
C GLU B 130 -26.59 6.90 3.12
N ALA B 131 -25.53 7.68 3.33
CA ALA B 131 -25.56 9.13 3.24
C ALA B 131 -25.32 9.64 1.81
N GLU B 132 -25.31 8.74 0.82
CA GLU B 132 -25.11 9.07 -0.59
C GLU B 132 -23.71 9.60 -0.86
N ILE B 133 -22.71 9.13 -0.11
CA ILE B 133 -21.31 9.54 -0.26
C ILE B 133 -20.54 8.37 -0.84
N PRO B 134 -20.00 8.49 -2.06
CA PRO B 134 -19.09 7.47 -2.60
C PRO B 134 -17.80 7.42 -1.79
N GLY B 135 -17.27 6.22 -1.59
CA GLY B 135 -16.00 6.13 -0.90
C GLY B 135 -15.46 4.71 -0.94
N ASP B 136 -14.22 4.55 -0.48
CA ASP B 136 -13.65 3.21 -0.53
C ASP B 136 -12.50 3.08 0.45
N ILE B 137 -12.00 1.85 0.59
CA ILE B 137 -10.79 1.58 1.37
C ILE B 137 -9.59 1.75 0.46
N SER B 138 -8.56 2.43 0.95
CA SER B 138 -7.28 2.55 0.28
C SER B 138 -6.27 1.63 0.96
N ASN B 139 -5.42 0.99 0.17
CA ASN B 139 -4.45 0.06 0.73
C ASN B 139 -3.03 0.61 0.76
N SER B 140 -2.84 1.88 0.42
CA SER B 140 -1.59 2.58 0.71
C SER B 140 -1.92 4.03 1.04
N ALA B 141 -1.39 4.51 2.16
CA ALA B 141 -1.54 5.89 2.61
C ALA B 141 -0.44 6.80 2.09
N GLY B 142 0.37 6.35 1.15
CA GLY B 142 1.64 6.99 0.84
C GLY B 142 2.66 6.68 1.93
N LEU B 143 3.83 7.29 1.80
CA LEU B 143 4.86 7.20 2.85
C LEU B 143 5.27 8.60 3.31
N TYR B 144 4.35 9.55 3.18
CA TYR B 144 4.54 10.93 3.59
C TYR B 144 4.04 11.07 5.03
N VAL B 145 3.73 12.29 5.46
CA VAL B 145 3.40 12.54 6.86
C VAL B 145 2.08 11.90 7.24
N ASN B 147 0.79 8.93 6.26
CA ASN B 147 1.09 7.56 6.64
C ASN B 147 1.84 7.49 7.98
N PHE B 148 2.79 8.42 8.15
CA PHE B 148 3.59 8.47 9.37
C PHE B 148 2.71 8.56 10.61
N VAL B 149 1.70 9.46 10.60
CA VAL B 149 0.92 9.62 11.83
C VAL B 149 -0.01 8.45 12.04
N LEU B 150 -0.46 7.80 10.97
CA LEU B 150 -1.24 6.58 11.14
C LEU B 150 -0.43 5.51 11.81
N TYR B 151 0.77 5.23 11.28
CA TYR B 151 1.64 4.27 11.94
C TYR B 151 1.96 4.71 13.37
N HIS B 152 2.28 6.00 13.54
CA HIS B 152 2.66 6.51 14.86
C HIS B 152 1.55 6.28 15.87
N ALA B 153 0.31 6.62 15.50
CA ALA B 153 -0.80 6.49 16.43
C ALA B 153 -1.08 5.03 16.76
N LEU B 154 -1.09 4.16 15.74
CA LEU B 154 -1.38 2.76 15.98
C LEU B 154 -0.32 2.13 16.86
N HIS B 155 0.95 2.49 16.63
CA HIS B 155 2.05 1.99 17.45
C HIS B 155 1.94 2.48 18.89
N TRP B 156 1.69 3.79 19.07
CA TRP B 156 1.59 4.34 20.42
C TRP B 156 0.46 3.65 21.18
N LEU B 157 -0.71 3.50 20.55
CA LEU B 157 -1.83 2.85 21.23
C LEU B 157 -1.47 1.42 21.63
N ARG B 158 -0.87 0.65 20.71
CA ARG B 158 -0.48 -0.70 21.06
C ARG B 158 0.52 -0.72 22.20
N GLU B 159 1.52 0.16 22.16
CA GLU B 159 2.55 0.14 23.20
C GLU B 159 2.04 0.62 24.56
N HIS B 160 0.89 1.31 24.61
CA HIS B 160 0.30 1.74 25.88
C HIS B 160 -0.91 0.91 26.27
N GLY B 161 -1.00 -0.33 25.77
CA GLY B 161 -2.09 -1.21 26.15
C GLY B 161 -3.44 -0.77 25.67
N ARG B 162 -3.50 0.13 24.70
CA ARG B 162 -4.74 0.68 24.19
C ARG B 162 -4.98 0.29 22.74
N GLY B 163 -4.50 -0.90 22.36
CA GLY B 163 -4.73 -1.40 21.01
C GLY B 163 -6.18 -1.53 20.65
N ALA B 164 -7.06 -1.66 21.64
CA ALA B 164 -8.49 -1.78 21.34
C ALA B 164 -9.14 -0.46 20.93
N VAL B 165 -8.46 0.67 21.08
CA VAL B 165 -8.99 1.98 20.70
C VAL B 165 -9.03 2.04 19.18
N PRO B 166 -10.20 2.12 18.55
CA PRO B 166 -10.25 2.18 17.08
C PRO B 166 -9.54 3.40 16.54
N CYS B 167 -8.68 3.19 15.56
CA CYS B 167 -7.79 4.24 15.12
C CYS B 167 -7.48 4.06 13.65
N GLY B 168 -7.66 5.11 12.87
CA GLY B 168 -7.39 4.99 11.45
C GLY B 168 -7.24 6.34 10.79
N PHE B 169 -7.14 6.30 9.46
CA PHE B 169 -6.89 7.48 8.65
C PHE B 169 -7.92 7.58 7.55
N LEU B 170 -8.35 8.81 7.32
CA LEU B 170 -9.36 9.17 6.33
C LEU B 170 -8.74 10.23 5.42
N HIS B 171 -8.45 9.87 4.17
CA HIS B 171 -7.98 10.84 3.19
C HIS B 171 -9.16 11.53 2.50
N VAL B 172 -9.05 12.85 2.32
CA VAL B 172 -10.13 13.57 1.65
C VAL B 172 -9.64 14.16 0.33
N PRO B 173 -10.51 14.29 -0.67
CA PRO B 173 -10.15 15.00 -1.92
C PRO B 173 -9.80 16.46 -1.70
N ALA B 174 -9.25 17.06 -2.76
CA ALA B 174 -9.17 18.51 -2.86
C ALA B 174 -10.55 19.12 -2.68
N ASN B 175 -10.61 20.29 -2.05
CA ASN B 175 -11.82 21.11 -2.09
C ASN B 175 -11.69 22.08 -3.27
N ALA B 176 -12.65 23.00 -3.40
CA ALA B 176 -12.61 23.94 -4.50
C ALA B 176 -11.33 24.77 -4.48
N ALA B 177 -10.92 25.23 -3.31
CA ALA B 177 -9.74 26.09 -3.20
C ALA B 177 -8.48 25.38 -3.69
N VAL B 178 -8.31 24.12 -3.29
CA VAL B 178 -7.16 23.34 -3.75
C VAL B 178 -7.19 23.17 -5.27
N ALA B 179 -8.37 22.85 -5.83
CA ALA B 179 -8.47 22.66 -7.27
C ALA B 179 -8.24 23.96 -8.04
N LEU B 180 -8.75 25.09 -7.52
CA LEU B 180 -8.58 26.37 -8.19
C LEU B 180 -7.13 26.84 -8.21
N ALA B 181 -6.33 26.38 -7.25
CA ALA B 181 -4.93 26.79 -7.14
C ALA B 181 -3.99 25.97 -8.04
N VAL B 182 -4.51 24.95 -8.71
CA VAL B 182 -3.67 24.15 -9.63
C VAL B 182 -3.17 25.05 -10.77
N PRO B 183 -1.87 25.05 -11.06
CA PRO B 183 -1.37 25.86 -12.18
C PRO B 183 -1.92 25.38 -13.51
N ALA B 184 -1.91 26.29 -14.48
CA ALA B 184 -2.52 26.01 -15.79
C ALA B 184 -1.81 24.89 -16.54
N ASP B 185 -0.56 24.60 -16.21
CA ASP B 185 0.18 23.57 -16.92
C ASP B 185 -0.09 22.16 -16.40
N ARG B 186 -0.70 22.02 -15.21
CA ARG B 186 -0.98 20.72 -14.60
C ARG B 186 -2.44 20.32 -14.83
N PRO B 187 -2.75 19.02 -14.76
CA PRO B 187 -4.10 18.57 -15.12
C PRO B 187 -5.08 18.91 -14.02
N PRO B 188 -6.35 19.12 -14.36
CA PRO B 188 -7.34 19.48 -13.34
C PRO B 188 -7.53 18.34 -12.36
N LEU B 189 -7.83 18.71 -11.09
CA LEU B 189 -8.00 17.79 -9.99
C LEU B 189 -9.46 17.46 -9.78
N PRO B 190 -9.79 16.19 -9.53
CA PRO B 190 -11.08 15.90 -8.88
C PRO B 190 -11.16 16.71 -7.59
N TYR B 191 -12.37 17.11 -7.24
CA TYR B 191 -12.55 17.91 -6.04
C TYR B 191 -13.95 17.71 -5.51
N LEU B 192 -14.16 18.13 -4.27
CA LEU B 192 -15.48 18.17 -3.65
C LEU B 192 -15.62 19.51 -2.95
N PRO B 193 -16.81 20.11 -2.97
CA PRO B 193 -17.04 21.26 -2.10
C PRO B 193 -16.72 20.90 -0.66
N GLN B 194 -16.20 21.88 0.07
CA GLN B 194 -15.80 21.60 1.44
C GLN B 194 -16.97 21.04 2.27
N SER B 195 -18.20 21.49 2.02
CA SER B 195 -19.33 20.99 2.81
C SER B 195 -19.54 19.50 2.60
N GLU B 196 -19.25 18.98 1.40
CA GLU B 196 -19.32 17.54 1.17
C GLU B 196 -18.23 16.81 1.94
N ILE B 197 -17.02 17.36 1.93
CA ILE B 197 -15.89 16.76 2.65
C ILE B 197 -16.15 16.71 4.14
N THR B 198 -16.57 17.85 4.71
CA THR B 198 -16.84 17.89 6.15
C THR B 198 -17.95 16.90 6.51
N ARG B 199 -18.99 16.82 5.69
CA ARG B 199 -20.07 15.88 5.96
C ARG B 199 -19.57 14.44 5.94
N ALA B 200 -18.64 14.11 5.02
CA ALA B 200 -18.09 12.75 5.00
C ALA B 200 -17.30 12.45 6.27
N VAL B 201 -16.49 13.41 6.73
CA VAL B 201 -15.77 13.22 7.99
C VAL B 201 -16.75 13.03 9.13
N ARG B 202 -17.81 13.85 9.18
CA ARG B 202 -18.80 13.73 10.24
C ARG B 202 -19.48 12.36 10.23
N VAL B 203 -19.89 11.90 9.03
CA VAL B 203 -20.55 10.60 8.92
C VAL B 203 -19.62 9.47 9.37
N ALA B 204 -18.34 9.56 9.01
CA ALA B 204 -17.38 8.57 9.47
C ALA B 204 -17.26 8.62 10.98
N ALA B 205 -17.19 9.82 11.55
CA ALA B 205 -17.07 9.95 13.00
C ALA B 205 -18.26 9.33 13.70
N GLU B 206 -19.47 9.58 13.19
CA GLU B 206 -20.67 9.04 13.80
C GLU B 206 -20.71 7.53 13.69
N ALA B 207 -20.23 6.97 12.57
CA ALA B 207 -20.21 5.52 12.41
C ALA B 207 -19.23 4.88 13.38
N ILE B 208 -18.08 5.52 13.61
CA ILE B 208 -17.07 5.01 14.52
C ILE B 208 -17.62 4.92 15.93
N THR B 209 -18.24 6.00 16.41
CA THR B 209 -18.69 6.00 17.79
C THR B 209 -19.92 5.12 17.98
N ALA B 210 -20.72 4.92 16.93
CA ALA B 210 -21.88 4.04 17.03
C ALA B 210 -21.46 2.59 17.23
N GLN B 211 -20.32 2.18 16.65
CA GLN B 211 -19.87 0.81 16.83
C GLN B 211 -19.31 0.60 18.24
N SER B 212 -18.47 1.51 18.72
CA SER B 212 -17.87 1.38 20.03
C SER B 212 -18.87 1.70 21.13
#